data_4H1U
#
_entry.id   4H1U
#
_cell.length_a   53.500
_cell.length_b   151.430
_cell.length_c   42.760
_cell.angle_alpha   90.000
_cell.angle_beta   90.000
_cell.angle_gamma   90.000
#
_symmetry.space_group_name_H-M   'P 21 21 2'
#
loop_
_entity.id
_entity.type
_entity.pdbx_description
1 polymer 'Dynamin-1-like protein'
2 non-polymer 'CITRATE ANION'
3 water water
#
_entity_poly.entity_id   1
_entity_poly.type   'polypeptide(L)'
_entity_poly.pdbx_seq_one_letter_code
;MEALIPVINKLQDVFNTVGADIIQLPQIVVVGTQSSGKSSVLESLVGRDLLPRGTGIVTRRPLILQLVHVSQEDKRKTTG
EENGVEAEEWGKFLHTKNKLYTDFDEIRQEIENETERISGNNKGVSPEPIHLKIFSPNVVNLTLVDLPGMTKVPVGDQPK
DIELQIRELILRFISNPNSIILAVTAANTDMATSEALKISREVDPDGRRTLAVITKLDLMDAGTDAMDVLMGRVIPVKLG
IIGVVNRSQLDINNKKSVTDSIRDEYAFLQKKYPSLANRNGTKYLARTLNRLLMHHIRDCLPELKTRINVLAAQYQSLLN
SYGEPVDGSGSGSGSKEAADMLKALQGASQIIAEIRETHLWLEHHHHHH
;
_entity_poly.pdbx_strand_id   A
#
loop_
_chem_comp.id
_chem_comp.type
_chem_comp.name
_chem_comp.formula
FLC non-polymer 'CITRATE ANION' 'C6 H5 O7 -3'
#
# COMPACT_ATOMS: atom_id res chain seq x y z
N MET A 1 -22.42 11.87 -3.57
CA MET A 1 -21.40 11.86 -2.53
C MET A 1 -20.00 11.91 -3.13
N GLU A 2 -19.24 12.94 -2.78
CA GLU A 2 -17.86 13.08 -3.21
C GLU A 2 -17.01 11.93 -2.70
N ALA A 3 -16.47 11.13 -3.60
CA ALA A 3 -15.56 10.05 -3.22
C ALA A 3 -14.30 10.62 -2.57
N LEU A 4 -13.97 10.12 -1.38
CA LEU A 4 -12.89 10.68 -0.59
C LEU A 4 -11.54 9.98 -0.79
N ILE A 5 -11.56 8.77 -1.36
CA ILE A 5 -10.33 8.09 -1.72
C ILE A 5 -9.48 8.87 -2.73
N PRO A 6 -10.10 9.41 -3.81
CA PRO A 6 -9.29 10.24 -4.71
C PRO A 6 -8.72 11.48 -4.03
N VAL A 7 -9.37 11.96 -2.98
CA VAL A 7 -8.91 13.14 -2.26
C VAL A 7 -7.60 12.87 -1.52
N ILE A 8 -7.58 11.80 -0.72
CA ILE A 8 -6.38 11.41 0.01
C ILE A 8 -5.27 10.99 -0.96
N ASN A 9 -5.67 10.38 -2.07
CA ASN A 9 -4.75 10.05 -3.16
C ASN A 9 -3.95 11.28 -3.59
N LYS A 10 -4.65 12.39 -3.78
CA LYS A 10 -4.02 13.64 -4.17
C LYS A 10 -3.18 14.21 -3.03
N LEU A 11 -3.64 14.00 -1.80
CA LEU A 11 -2.90 14.44 -0.62
C LEU A 11 -1.60 13.67 -0.47
N GLN A 12 -1.64 12.38 -0.78
CA GLN A 12 -0.45 11.54 -0.77
C GLN A 12 0.58 12.07 -1.77
N ASP A 13 0.10 12.47 -2.94
CA ASP A 13 0.98 12.98 -4.00
C ASP A 13 1.56 14.34 -3.64
N VAL A 14 0.78 15.15 -2.92
CA VAL A 14 1.20 16.49 -2.54
C VAL A 14 2.39 16.47 -1.59
N PHE A 15 2.36 15.59 -0.59
CA PHE A 15 3.45 15.47 0.37
C PHE A 15 4.45 14.40 -0.07
N ASN A 16 4.71 14.33 -1.37
CA ASN A 16 5.57 13.31 -1.96
C ASN A 16 6.98 13.27 -1.36
N THR A 17 7.69 14.39 -1.42
CA THR A 17 9.07 14.45 -0.96
C THR A 17 9.24 15.40 0.21
N VAL A 18 8.16 16.08 0.59
CA VAL A 18 8.23 17.09 1.64
C VAL A 18 7.92 16.49 3.02
N GLY A 19 7.63 15.20 3.05
CA GLY A 19 7.37 14.50 4.30
C GLY A 19 5.90 14.43 4.65
N ALA A 20 5.37 13.21 4.71
CA ALA A 20 3.95 13.01 4.96
C ALA A 20 3.65 12.43 6.33
N ASP A 21 4.70 12.11 7.08
CA ASP A 21 4.55 11.48 8.39
C ASP A 21 3.81 12.38 9.38
N ILE A 22 4.10 13.67 9.34
CA ILE A 22 3.53 14.62 10.29
C ILE A 22 2.07 14.95 9.96
N ILE A 23 1.64 14.56 8.76
CA ILE A 23 0.26 14.80 8.34
C ILE A 23 -0.66 13.71 8.90
N GLN A 24 -0.10 12.51 9.09
CA GLN A 24 -0.84 11.36 9.62
C GLN A 24 -2.05 11.03 8.76
N LEU A 25 -1.83 10.86 7.46
CA LEU A 25 -2.91 10.59 6.52
C LEU A 25 -3.58 9.25 6.76
N PRO A 26 -4.91 9.19 6.59
CA PRO A 26 -5.66 7.93 6.70
C PRO A 26 -5.37 7.04 5.50
N GLN A 27 -4.77 5.88 5.76
CA GLN A 27 -4.36 4.99 4.68
C GLN A 27 -4.12 3.57 5.19
N ILE A 28 -4.15 2.60 4.28
CA ILE A 28 -3.88 1.21 4.62
C ILE A 28 -2.42 0.87 4.37
N VAL A 29 -1.77 0.31 5.38
CA VAL A 29 -0.36 -0.07 5.27
C VAL A 29 -0.20 -1.58 5.24
N VAL A 30 0.44 -2.07 4.19
CA VAL A 30 0.61 -3.51 4.01
C VAL A 30 1.90 -4.02 4.62
N VAL A 31 1.77 -4.78 5.71
CA VAL A 31 2.91 -5.36 6.39
C VAL A 31 2.93 -6.87 6.22
N GLY A 32 4.03 -7.40 5.69
CA GLY A 32 4.15 -8.83 5.47
C GLY A 32 5.59 -9.29 5.43
N THR A 33 5.78 -10.60 5.52
CA THR A 33 7.10 -11.19 5.41
C THR A 33 7.43 -11.44 3.95
N GLN A 34 8.70 -11.71 3.66
CA GLN A 34 9.15 -11.90 2.28
C GLN A 34 8.45 -13.06 1.57
N SER A 35 8.04 -14.07 2.32
CA SER A 35 7.38 -15.23 1.75
C SER A 35 5.92 -15.34 2.17
N SER A 36 5.29 -14.21 2.47
CA SER A 36 3.91 -14.19 2.92
C SER A 36 2.92 -14.20 1.76
N GLY A 37 3.41 -13.81 0.58
CA GLY A 37 2.56 -13.76 -0.60
C GLY A 37 1.77 -12.46 -0.68
N LYS A 38 2.28 -11.43 0.00
CA LYS A 38 1.59 -10.14 0.03
C LYS A 38 1.62 -9.45 -1.33
N SER A 39 2.65 -9.75 -2.13
CA SER A 39 2.74 -9.19 -3.46
C SER A 39 1.70 -9.86 -4.36
N SER A 40 1.37 -11.11 -4.06
CA SER A 40 0.33 -11.82 -4.77
C SER A 40 -1.05 -11.29 -4.37
N VAL A 41 -1.15 -10.80 -3.13
CA VAL A 41 -2.39 -10.20 -2.65
C VAL A 41 -2.69 -8.93 -3.42
N LEU A 42 -1.67 -8.10 -3.62
CA LEU A 42 -1.81 -6.86 -4.36
C LEU A 42 -2.25 -7.12 -5.80
N GLU A 43 -1.62 -8.09 -6.45
CA GLU A 43 -1.93 -8.42 -7.84
C GLU A 43 -3.31 -9.05 -7.99
N SER A 44 -3.77 -9.74 -6.95
CA SER A 44 -5.10 -10.33 -6.97
C SER A 44 -6.15 -9.22 -6.96
N LEU A 45 -5.81 -8.11 -6.31
CA LEU A 45 -6.68 -6.95 -6.27
C LEU A 45 -6.59 -6.15 -7.56
N VAL A 46 -5.40 -6.09 -8.14
CA VAL A 46 -5.18 -5.39 -9.40
C VAL A 46 -5.88 -6.11 -10.55
N GLY A 47 -5.63 -7.41 -10.69
CA GLY A 47 -6.27 -8.20 -11.72
C GLY A 47 -5.28 -8.87 -12.65
N ARG A 48 -4.03 -8.42 -12.61
CA ARG A 48 -2.95 -9.03 -13.40
C ARG A 48 -1.57 -8.73 -12.82
N ASP A 49 -0.55 -9.30 -13.44
CA ASP A 49 0.83 -9.12 -12.98
C ASP A 49 1.26 -7.66 -13.02
N LEU A 50 2.03 -7.25 -12.02
CA LEU A 50 2.46 -5.86 -11.94
C LEU A 50 3.79 -5.76 -11.23
N LEU A 51 3.87 -6.41 -10.08
CA LEU A 51 5.01 -6.27 -9.19
C LEU A 51 6.17 -7.17 -9.57
N PRO A 52 7.40 -6.64 -9.51
CA PRO A 52 8.59 -7.46 -9.73
C PRO A 52 8.77 -8.38 -8.54
N ARG A 53 8.81 -9.69 -8.79
CA ARG A 53 9.01 -10.64 -7.70
C ARG A 53 10.48 -10.71 -7.36
N GLY A 54 10.87 -11.80 -6.69
CA GLY A 54 12.25 -12.03 -6.38
C GLY A 54 12.80 -13.22 -7.14
N THR A 55 13.14 -13.02 -8.41
CA THR A 55 13.85 -14.03 -9.18
C THR A 55 15.16 -14.29 -8.45
N GLY A 56 15.72 -13.22 -7.90
CA GLY A 56 16.87 -13.31 -7.02
C GLY A 56 16.61 -12.53 -5.74
N ILE A 57 16.08 -11.32 -5.90
CA ILE A 57 15.85 -10.43 -4.76
C ILE A 57 14.75 -9.39 -5.03
N VAL A 58 14.19 -8.86 -3.96
CA VAL A 58 12.91 -8.14 -3.97
C VAL A 58 13.06 -6.62 -3.77
N THR A 59 11.95 -5.91 -3.53
CA THR A 59 11.91 -4.45 -3.50
C THR A 59 12.44 -3.84 -2.21
N ARG A 60 12.91 -2.59 -2.29
CA ARG A 60 13.56 -1.94 -1.16
C ARG A 60 13.04 -0.53 -0.84
N ARG A 61 11.80 -0.23 -1.24
CA ARG A 61 11.13 1.01 -0.83
C ARG A 61 9.61 0.90 -0.96
N PRO A 62 8.88 1.66 -0.13
CA PRO A 62 7.41 1.65 -0.14
C PRO A 62 6.81 1.92 -1.52
N LEU A 63 5.72 1.23 -1.83
CA LEU A 63 4.99 1.48 -3.05
C LEU A 63 3.56 1.88 -2.73
N ILE A 64 3.20 3.13 -3.02
CA ILE A 64 1.84 3.58 -2.84
C ILE A 64 1.04 3.21 -4.09
N LEU A 65 0.29 2.11 -3.99
CA LEU A 65 -0.50 1.62 -5.10
C LEU A 65 -1.92 2.15 -5.03
N GLN A 66 -2.26 3.01 -5.99
CA GLN A 66 -3.57 3.64 -6.02
C GLN A 66 -4.41 3.09 -7.17
N LEU A 67 -5.35 2.20 -6.84
CA LEU A 67 -6.23 1.61 -7.84
C LEU A 67 -7.42 2.50 -8.10
N VAL A 68 -7.50 3.06 -9.31
CA VAL A 68 -8.60 3.94 -9.67
C VAL A 68 -9.54 3.28 -10.67
N HIS A 69 -10.78 3.06 -10.25
CA HIS A 69 -11.77 2.43 -11.12
C HIS A 69 -12.23 3.36 -12.23
N VAL A 70 -12.46 2.79 -13.41
CA VAL A 70 -12.97 3.55 -14.55
C VAL A 70 -14.09 2.77 -15.23
N SER A 71 -14.84 3.46 -16.07
CA SER A 71 -15.84 2.80 -16.90
C SER A 71 -15.13 2.06 -18.03
N GLN A 72 -15.73 0.96 -18.50
CA GLN A 72 -15.14 0.20 -19.60
C GLN A 72 -15.11 1.03 -20.88
N GLU A 73 -15.90 2.09 -20.91
CA GLU A 73 -15.91 3.01 -22.04
C GLU A 73 -14.78 4.03 -21.93
N ASP A 74 -14.21 4.14 -20.73
CA ASP A 74 -13.10 5.05 -20.49
C ASP A 74 -11.79 4.39 -20.92
N LYS A 75 -11.24 4.85 -22.04
CA LYS A 75 -10.03 4.27 -22.60
C LYS A 75 -8.98 5.31 -22.96
N ARG A 76 -7.81 4.84 -23.39
CA ARG A 76 -6.69 5.74 -23.72
C ARG A 76 -5.95 5.30 -24.98
N LYS A 77 -5.58 6.28 -25.80
CA LYS A 77 -4.78 6.02 -26.99
C LYS A 77 -3.43 5.48 -26.58
N THR A 78 -3.00 4.39 -27.22
CA THR A 78 -1.71 3.80 -26.88
C THR A 78 -0.57 4.69 -27.38
N THR A 79 0.47 4.77 -26.54
CA THR A 79 1.62 5.62 -26.76
C THR A 79 2.78 4.64 -26.44
N GLY A 80 4.06 5.00 -26.45
CA GLY A 80 4.62 6.34 -26.55
C GLY A 80 4.55 7.04 -27.88
N GLU A 81 4.66 6.30 -28.97
CA GLU A 81 4.78 6.96 -30.25
C GLU A 81 3.65 6.68 -31.23
N GLU A 82 3.33 5.40 -31.42
CA GLU A 82 2.56 4.89 -32.57
C GLU A 82 1.21 4.21 -32.28
N ASN A 83 0.37 4.10 -33.31
CA ASN A 83 -1.04 3.79 -33.18
C ASN A 83 -1.44 2.52 -33.97
N GLY A 84 -2.65 1.98 -33.78
CA GLY A 84 -3.74 2.67 -33.08
C GLY A 84 -4.58 2.03 -31.99
N VAL A 85 -4.22 0.82 -31.53
CA VAL A 85 -5.08 0.13 -30.55
C VAL A 85 -5.30 0.92 -29.27
N GLU A 86 -6.51 0.83 -28.71
CA GLU A 86 -6.89 1.64 -27.56
C GLU A 86 -6.87 0.84 -26.27
N ALA A 87 -6.27 1.39 -25.23
CA ALA A 87 -6.06 0.64 -23.98
C ALA A 87 -7.22 0.74 -23.00
N GLU A 88 -7.50 -0.38 -22.34
CA GLU A 88 -8.57 -0.46 -21.35
C GLU A 88 -7.99 -0.24 -19.96
N GLU A 89 -6.70 -0.49 -19.82
CA GLU A 89 -6.00 -0.31 -18.56
C GLU A 89 -4.71 0.48 -18.78
N TRP A 90 -4.37 1.35 -17.83
CA TRP A 90 -3.14 2.12 -17.93
C TRP A 90 -2.61 2.54 -16.56
N GLY A 91 -1.34 2.94 -16.52
CA GLY A 91 -0.71 3.34 -15.28
C GLY A 91 -0.01 4.69 -15.36
N LYS A 92 0.15 5.33 -14.21
CA LYS A 92 0.85 6.61 -14.13
C LYS A 92 1.73 6.67 -12.89
N PHE A 93 3.02 6.94 -13.09
CA PHE A 93 3.95 7.15 -11.98
C PHE A 93 4.07 8.65 -11.71
N LEU A 94 4.09 9.01 -10.44
CA LEU A 94 4.18 10.41 -10.05
C LEU A 94 5.51 11.04 -10.48
N HIS A 95 6.58 10.26 -10.39
CA HIS A 95 7.91 10.75 -10.75
C HIS A 95 8.05 10.99 -12.25
N THR A 96 7.22 10.32 -13.05
CA THR A 96 7.20 10.55 -14.48
C THR A 96 6.00 11.40 -14.87
N LYS A 97 5.24 11.83 -13.87
CA LYS A 97 4.12 12.75 -14.04
C LYS A 97 3.09 12.28 -15.06
N ASN A 98 2.92 13.01 -16.16
CA ASN A 98 1.87 12.69 -17.13
C ASN A 98 2.24 11.65 -18.19
N LYS A 99 3.26 10.85 -17.91
CA LYS A 99 3.63 9.76 -18.82
C LYS A 99 2.64 8.61 -18.68
N LEU A 100 2.29 7.99 -19.81
CA LEU A 100 1.29 6.93 -19.80
C LEU A 100 1.86 5.55 -20.10
N TYR A 101 1.55 4.60 -19.21
CA TYR A 101 2.03 3.23 -19.34
C TYR A 101 0.88 2.31 -19.72
N THR A 102 0.92 1.80 -20.94
CA THR A 102 -0.11 0.90 -21.43
C THR A 102 0.35 -0.56 -21.30
N ASP A 103 1.64 -0.78 -21.50
CA ASP A 103 2.24 -2.10 -21.31
C ASP A 103 2.52 -2.30 -19.81
N PHE A 104 1.80 -3.24 -19.21
CA PHE A 104 1.93 -3.49 -17.77
C PHE A 104 3.27 -4.08 -17.37
N ASP A 105 3.96 -4.67 -18.34
CA ASP A 105 5.30 -5.19 -18.09
C ASP A 105 6.32 -4.04 -18.09
N GLU A 106 5.96 -2.94 -18.74
CA GLU A 106 6.78 -1.74 -18.70
C GLU A 106 6.61 -1.05 -17.34
N ILE A 107 5.42 -1.21 -16.75
CA ILE A 107 5.17 -0.70 -15.41
C ILE A 107 6.05 -1.42 -14.41
N ARG A 108 6.13 -2.74 -14.55
CA ARG A 108 7.01 -3.56 -13.73
C ARG A 108 8.45 -3.10 -13.89
N GLN A 109 8.85 -2.85 -15.13
CA GLN A 109 10.20 -2.38 -15.44
C GLN A 109 10.49 -1.06 -14.74
N GLU A 110 9.54 -0.13 -14.80
CA GLU A 110 9.71 1.17 -14.18
C GLU A 110 9.84 1.04 -12.66
N ILE A 111 9.08 0.12 -12.08
CA ILE A 111 9.18 -0.16 -10.65
C ILE A 111 10.59 -0.66 -10.33
N GLU A 112 11.11 -1.53 -11.20
CA GLU A 112 12.49 -2.01 -11.11
C GLU A 112 13.45 -0.84 -11.30
N ASN A 113 13.22 -0.06 -12.35
CA ASN A 113 14.06 1.07 -12.71
C ASN A 113 13.97 2.19 -11.67
N GLU A 114 13.08 2.03 -10.69
CA GLU A 114 12.86 3.03 -9.66
C GLU A 114 13.10 2.52 -8.25
N THR A 115 13.04 1.20 -8.05
CA THR A 115 13.35 0.63 -6.73
C THR A 115 14.83 0.78 -6.40
N GLU A 116 15.14 0.87 -5.11
CA GLU A 116 16.52 0.98 -4.61
C GLU A 116 17.52 1.85 -5.39
N ARG A 117 18.54 1.16 -5.90
CA ARG A 117 19.68 1.73 -6.66
C ARG A 117 20.77 2.34 -5.82
N ILE A 118 21.97 2.35 -6.37
CA ILE A 118 23.07 3.06 -5.72
C ILE A 118 22.91 4.56 -5.96
N SER A 119 21.89 5.09 -5.31
CA SER A 119 21.56 6.50 -5.36
C SER A 119 21.75 7.10 -3.97
N GLY A 120 22.19 8.35 -3.91
CA GLY A 120 22.28 9.07 -2.67
C GLY A 120 23.25 8.46 -1.69
N ASN A 121 22.75 8.15 -0.50
CA ASN A 121 23.61 7.86 0.63
C ASN A 121 23.36 6.50 1.29
N ASN A 122 24.28 6.11 2.16
CA ASN A 122 24.16 4.88 2.96
C ASN A 122 24.02 3.61 2.12
N LYS A 123 22.99 2.83 2.45
CA LYS A 123 22.73 1.58 1.75
C LYS A 123 21.27 1.48 1.29
N GLY A 124 20.90 0.30 0.81
CA GLY A 124 19.63 0.10 0.15
C GLY A 124 18.35 0.12 0.97
N VAL A 125 18.13 1.13 1.77
CA VAL A 125 16.79 1.42 2.13
C VAL A 125 16.43 2.87 2.06
N SER A 126 15.42 3.15 1.29
CA SER A 126 14.84 4.47 1.06
C SER A 126 13.41 4.41 1.59
N PRO A 127 13.08 5.32 2.52
CA PRO A 127 11.70 5.43 2.97
C PRO A 127 10.88 6.29 2.02
N GLU A 128 11.50 6.68 0.90
CA GLU A 128 10.80 7.43 -0.15
C GLU A 128 9.89 6.49 -0.94
N PRO A 129 8.57 6.70 -0.86
CA PRO A 129 7.61 5.83 -1.54
C PRO A 129 7.53 6.08 -3.05
N ILE A 130 7.26 5.02 -3.80
CA ILE A 130 6.94 5.13 -5.21
C ILE A 130 5.44 5.28 -5.36
N HIS A 131 5.01 6.28 -6.14
CA HIS A 131 3.58 6.52 -6.33
C HIS A 131 3.12 5.97 -7.68
N LEU A 132 2.18 5.04 -7.64
CA LEU A 132 1.67 4.41 -8.86
C LEU A 132 0.14 4.40 -8.91
N LYS A 133 -0.41 5.02 -9.94
CA LYS A 133 -1.84 4.98 -10.18
C LYS A 133 -2.16 3.94 -11.25
N ILE A 134 -3.11 3.06 -10.96
CA ILE A 134 -3.55 2.08 -11.93
C ILE A 134 -5.03 2.31 -12.26
N PHE A 135 -5.29 2.65 -13.53
CA PHE A 135 -6.65 2.89 -13.98
C PHE A 135 -7.20 1.64 -14.66
N SER A 136 -8.32 1.12 -14.13
CA SER A 136 -8.90 -0.11 -14.66
C SER A 136 -10.37 -0.26 -14.29
N PRO A 137 -11.16 -0.85 -15.20
CA PRO A 137 -12.56 -1.16 -14.92
C PRO A 137 -12.72 -2.46 -14.14
N ASN A 138 -11.61 -3.11 -13.82
CA ASN A 138 -11.62 -4.37 -13.09
C ASN A 138 -11.22 -4.22 -11.64
N VAL A 139 -10.80 -3.02 -11.26
CA VAL A 139 -10.39 -2.76 -9.89
C VAL A 139 -11.45 -1.96 -9.15
N VAL A 140 -11.53 -2.16 -7.83
CA VAL A 140 -12.35 -1.31 -6.99
C VAL A 140 -11.48 -0.15 -6.54
N ASN A 141 -12.11 0.97 -6.20
CA ASN A 141 -11.38 2.12 -5.68
C ASN A 141 -10.71 1.77 -4.36
N LEU A 142 -9.38 1.68 -4.38
CA LEU A 142 -8.63 1.23 -3.22
C LEU A 142 -7.18 1.68 -3.30
N THR A 143 -6.64 2.14 -2.17
CA THR A 143 -5.23 2.53 -2.10
C THR A 143 -4.52 1.76 -0.99
N LEU A 144 -3.38 1.17 -1.34
CA LEU A 144 -2.59 0.41 -0.38
C LEU A 144 -1.15 0.88 -0.38
N VAL A 145 -0.55 0.98 0.80
CA VAL A 145 0.85 1.36 0.92
C VAL A 145 1.70 0.12 1.21
N ASP A 146 2.34 -0.40 0.17
CA ASP A 146 3.09 -1.64 0.27
C ASP A 146 4.52 -1.41 0.78
N LEU A 147 4.84 -2.03 1.91
CA LEU A 147 6.16 -1.90 2.51
C LEU A 147 7.03 -3.12 2.18
N PRO A 148 8.36 -2.93 2.18
CA PRO A 148 9.30 -4.04 1.93
C PRO A 148 9.07 -5.21 2.88
N GLY A 149 9.15 -6.43 2.36
CA GLY A 149 8.91 -7.61 3.15
C GLY A 149 9.99 -7.91 4.17
N MET A 150 9.58 -8.37 5.35
CA MET A 150 10.52 -8.75 6.39
C MET A 150 11.08 -10.13 6.12
N THR A 151 12.03 -10.54 6.95
CA THR A 151 12.50 -11.92 6.95
C THR A 151 11.49 -12.76 7.74
N LYS A 152 11.33 -14.02 7.35
CA LYS A 152 10.38 -14.90 8.04
C LYS A 152 10.90 -15.27 9.43
N VAL A 153 12.20 -15.11 9.63
CA VAL A 153 12.83 -15.36 10.91
C VAL A 153 13.02 -14.03 11.64
N PRO A 154 13.16 -14.07 12.97
CA PRO A 154 13.53 -12.85 13.72
C PRO A 154 14.81 -12.24 13.18
N VAL A 155 14.99 -10.94 13.36
CA VAL A 155 16.12 -10.23 12.79
C VAL A 155 17.47 -10.77 13.26
N GLY A 156 17.53 -11.24 14.50
CA GLY A 156 18.76 -11.76 15.06
C GLY A 156 19.15 -13.12 14.50
N ASP A 157 18.18 -13.81 13.90
CA ASP A 157 18.42 -15.14 13.36
C ASP A 157 18.72 -15.13 11.86
N GLN A 158 19.26 -14.02 11.38
CA GLN A 158 19.69 -13.90 9.99
C GLN A 158 20.90 -12.96 9.91
N PRO A 159 21.77 -13.13 8.90
CA PRO A 159 23.08 -12.47 8.90
C PRO A 159 23.10 -10.96 8.63
N LYS A 160 22.18 -10.45 7.83
CA LYS A 160 22.25 -9.05 7.39
C LYS A 160 21.76 -8.04 8.42
N ASP A 161 22.56 -6.99 8.64
CA ASP A 161 22.24 -5.96 9.61
C ASP A 161 21.21 -4.98 9.06
N ILE A 162 21.00 -5.03 7.75
CA ILE A 162 20.11 -4.08 7.09
C ILE A 162 18.64 -4.40 7.38
N GLU A 163 18.39 -5.59 7.93
CA GLU A 163 17.04 -6.00 8.28
C GLU A 163 16.48 -5.11 9.39
N LEU A 164 17.37 -4.60 10.24
CA LEU A 164 16.98 -3.64 11.26
C LEU A 164 16.37 -2.40 10.62
N GLN A 165 16.99 -1.94 9.54
CA GLN A 165 16.52 -0.75 8.84
C GLN A 165 15.15 -0.97 8.21
N ILE A 166 14.89 -2.19 7.77
CA ILE A 166 13.58 -2.56 7.23
C ILE A 166 12.54 -2.49 8.34
N ARG A 167 12.88 -3.02 9.51
CA ARG A 167 11.98 -3.00 10.66
C ARG A 167 11.70 -1.56 11.11
N GLU A 168 12.69 -0.70 10.98
CA GLU A 168 12.53 0.71 11.34
C GLU A 168 11.59 1.42 10.37
N LEU A 169 11.76 1.13 9.09
CA LEU A 169 10.93 1.70 8.04
C LEU A 169 9.46 1.36 8.28
N ILE A 170 9.21 0.08 8.53
CA ILE A 170 7.87 -0.42 8.76
C ILE A 170 7.23 0.24 9.99
N LEU A 171 8.00 0.33 11.06
CA LEU A 171 7.53 0.99 12.28
C LEU A 171 7.22 2.46 12.03
N ARG A 172 8.02 3.09 11.17
CA ARG A 172 7.82 4.50 10.83
C ARG A 172 6.47 4.74 10.18
N PHE A 173 6.05 3.80 9.34
CA PHE A 173 4.79 3.93 8.62
C PHE A 173 3.58 3.51 9.43
N ILE A 174 3.72 2.46 10.24
CA ILE A 174 2.58 1.91 10.97
C ILE A 174 2.36 2.56 12.34
N SER A 175 3.29 3.40 12.78
CA SER A 175 3.12 4.14 14.02
C SER A 175 2.15 5.30 13.81
N ASN A 176 1.83 5.56 12.54
CA ASN A 176 0.80 6.53 12.18
C ASN A 176 -0.54 6.11 12.78
N PRO A 177 -1.04 6.92 13.72
CA PRO A 177 -2.28 6.63 14.47
C PRO A 177 -3.48 6.41 13.55
N ASN A 178 -3.44 7.02 12.37
CA ASN A 178 -4.54 6.92 11.42
C ASN A 178 -4.30 5.90 10.32
N SER A 179 -3.29 5.05 10.51
CA SER A 179 -2.98 4.02 9.53
C SER A 179 -3.60 2.68 9.91
N ILE A 180 -4.27 2.06 8.95
CA ILE A 180 -4.79 0.70 9.14
C ILE A 180 -3.73 -0.30 8.71
N ILE A 181 -3.40 -1.23 9.61
CA ILE A 181 -2.36 -2.20 9.34
C ILE A 181 -2.91 -3.46 8.70
N LEU A 182 -2.50 -3.72 7.47
CA LEU A 182 -2.88 -4.95 6.78
C LEU A 182 -1.77 -5.99 6.94
N ALA A 183 -1.90 -6.84 7.94
CA ALA A 183 -0.88 -7.84 8.24
C ALA A 183 -1.08 -9.10 7.41
N VAL A 184 -0.11 -9.38 6.53
CA VAL A 184 -0.19 -10.55 5.65
C VAL A 184 0.67 -11.70 6.16
N THR A 185 0.04 -12.83 6.45
CA THR A 185 0.77 -14.00 6.92
C THR A 185 0.20 -15.28 6.30
N ALA A 186 1.08 -16.19 5.90
CA ALA A 186 0.69 -17.44 5.27
C ALA A 186 0.25 -18.47 6.31
N ALA A 187 -0.79 -19.23 5.98
CA ALA A 187 -1.24 -20.33 6.84
C ALA A 187 -0.19 -21.44 6.82
N ASN A 188 0.70 -21.36 5.84
CA ASN A 188 1.83 -22.26 5.68
C ASN A 188 2.71 -22.30 6.94
N THR A 189 2.68 -21.22 7.72
CA THR A 189 3.55 -21.08 8.88
C THR A 189 2.79 -21.14 10.20
N ASP A 190 3.50 -20.88 11.29
CA ASP A 190 2.90 -20.81 12.62
C ASP A 190 2.47 -19.39 12.93
N MET A 191 1.17 -19.17 13.04
CA MET A 191 0.61 -17.82 13.12
C MET A 191 1.00 -17.01 14.37
N ALA A 192 1.05 -17.65 15.53
CA ALA A 192 1.32 -16.94 16.78
C ALA A 192 2.77 -16.46 16.92
N THR A 193 3.58 -16.71 15.89
CA THR A 193 4.96 -16.24 15.88
C THR A 193 5.27 -15.42 14.63
N SER A 194 4.22 -15.04 13.89
CA SER A 194 4.38 -14.28 12.67
C SER A 194 5.04 -12.93 12.92
N GLU A 195 6.05 -12.61 12.11
CA GLU A 195 6.76 -11.34 12.24
C GLU A 195 5.83 -10.17 11.93
N ALA A 196 4.85 -10.42 11.07
CA ALA A 196 3.88 -9.40 10.69
C ALA A 196 3.03 -8.98 11.88
N LEU A 197 2.48 -9.95 12.60
CA LEU A 197 1.65 -9.69 13.77
C LEU A 197 2.50 -9.20 14.94
N LYS A 198 3.70 -9.74 15.06
CA LYS A 198 4.61 -9.35 16.14
C LYS A 198 4.92 -7.87 16.10
N ILE A 199 5.31 -7.37 14.93
CA ILE A 199 5.69 -5.97 14.79
C ILE A 199 4.46 -5.05 14.81
N SER A 200 3.29 -5.62 14.53
CA SER A 200 2.05 -4.84 14.53
C SER A 200 1.53 -4.61 15.94
N ARG A 201 1.84 -5.53 16.84
CA ARG A 201 1.44 -5.39 18.24
C ARG A 201 2.28 -4.34 18.94
N GLU A 202 3.40 -3.97 18.32
CA GLU A 202 4.30 -2.99 18.92
C GLU A 202 3.78 -1.57 18.78
N VAL A 203 2.93 -1.33 17.79
CA VAL A 203 2.30 -0.02 17.62
C VAL A 203 0.81 -0.09 17.91
N ASP A 204 0.25 -1.30 17.78
CA ASP A 204 -1.14 -1.55 18.07
C ASP A 204 -1.18 -2.81 18.91
N PRO A 205 -1.06 -2.67 20.23
CA PRO A 205 -1.02 -3.79 21.19
C PRO A 205 -2.27 -4.62 21.02
N ASP A 206 -3.40 -3.92 20.99
CA ASP A 206 -4.68 -4.53 20.68
C ASP A 206 -4.73 -4.78 19.18
N GLY A 207 -5.75 -5.50 18.74
CA GLY A 207 -5.94 -5.70 17.31
C GLY A 207 -6.83 -4.62 16.71
N ARG A 208 -6.97 -3.51 17.41
CA ARG A 208 -8.03 -2.53 17.10
C ARG A 208 -7.93 -1.83 15.74
N ARG A 209 -6.73 -1.71 15.20
CA ARG A 209 -6.58 -1.12 13.87
C ARG A 209 -5.74 -2.00 12.94
N THR A 210 -5.80 -3.31 13.16
CA THR A 210 -5.09 -4.25 12.29
C THR A 210 -6.06 -5.25 11.68
N LEU A 211 -5.88 -5.51 10.39
CA LEU A 211 -6.65 -6.56 9.71
C LEU A 211 -5.68 -7.62 9.22
N ALA A 212 -5.98 -8.88 9.52
CA ALA A 212 -5.09 -9.98 9.18
C ALA A 212 -5.57 -10.72 7.92
N VAL A 213 -4.69 -10.81 6.94
CA VAL A 213 -4.97 -11.61 5.75
C VAL A 213 -4.22 -12.93 5.82
N ILE A 214 -4.93 -14.03 5.59
CA ILE A 214 -4.32 -15.35 5.63
C ILE A 214 -4.21 -15.93 4.24
N THR A 215 -2.98 -16.06 3.75
CA THR A 215 -2.74 -16.54 2.39
C THR A 215 -2.33 -18.00 2.39
N LYS A 216 -2.28 -18.58 1.18
CA LYS A 216 -1.76 -19.94 0.97
C LYS A 216 -2.48 -21.00 1.81
N LEU A 217 -3.80 -20.95 1.79
CA LEU A 217 -4.63 -21.91 2.52
C LEU A 217 -4.50 -23.32 1.94
N ASP A 218 -4.07 -23.40 0.68
CA ASP A 218 -3.97 -24.68 -0.01
C ASP A 218 -2.59 -25.32 0.15
N LEU A 219 -1.75 -24.74 0.99
CA LEU A 219 -0.39 -25.25 1.17
C LEU A 219 -0.14 -25.76 2.58
N MET A 220 -1.21 -25.89 3.37
CA MET A 220 -1.08 -26.39 4.72
C MET A 220 -0.81 -27.89 4.72
N ASP A 221 -0.23 -28.40 5.80
CA ASP A 221 0.14 -29.81 5.90
C ASP A 221 -1.06 -30.73 5.82
N ALA A 222 -0.79 -32.03 5.75
CA ALA A 222 -1.86 -33.03 5.69
C ALA A 222 -2.57 -33.15 7.03
N GLY A 223 -3.90 -33.15 6.99
CA GLY A 223 -4.71 -33.30 8.18
C GLY A 223 -4.78 -32.02 9.00
N THR A 224 -4.53 -30.89 8.34
CA THR A 224 -4.47 -29.61 9.04
C THR A 224 -5.14 -28.52 8.21
N ASP A 225 -5.88 -27.63 8.87
CA ASP A 225 -6.56 -26.54 8.19
C ASP A 225 -6.35 -25.22 8.94
N ALA A 226 -7.04 -24.18 8.49
CA ALA A 226 -6.96 -22.87 9.12
C ALA A 226 -8.31 -22.50 9.72
N MET A 227 -9.06 -23.50 10.16
CA MET A 227 -10.39 -23.26 10.70
C MET A 227 -10.38 -22.36 11.94
N ASP A 228 -9.46 -22.58 12.87
CA ASP A 228 -9.45 -21.77 14.09
C ASP A 228 -8.97 -20.34 13.86
N VAL A 229 -7.96 -20.15 13.02
CA VAL A 229 -7.50 -18.79 12.75
C VAL A 229 -8.57 -18.00 12.00
N LEU A 230 -9.25 -18.65 11.06
CA LEU A 230 -10.28 -17.99 10.28
C LEU A 230 -11.59 -17.79 11.07
N MET A 231 -11.77 -18.57 12.12
CA MET A 231 -12.93 -18.40 13.00
C MET A 231 -12.67 -17.28 14.01
N GLY A 232 -11.45 -16.77 14.03
CA GLY A 232 -11.08 -15.71 14.95
C GLY A 232 -10.83 -16.23 16.35
N ARG A 233 -10.30 -17.45 16.44
CA ARG A 233 -10.12 -18.11 17.73
C ARG A 233 -8.72 -17.98 18.31
N VAL A 234 -7.75 -17.56 17.49
CA VAL A 234 -6.37 -17.53 17.93
C VAL A 234 -5.68 -16.16 17.74
N ILE A 235 -5.77 -15.60 16.54
CA ILE A 235 -5.12 -14.33 16.24
C ILE A 235 -5.90 -13.12 16.77
N PRO A 236 -5.25 -12.30 17.61
CA PRO A 236 -5.84 -11.12 18.25
C PRO A 236 -5.87 -9.87 17.35
N VAL A 237 -6.55 -9.96 16.21
CA VAL A 237 -6.77 -8.83 15.28
C VAL A 237 -8.27 -8.50 15.18
N LYS A 238 -8.62 -7.21 15.28
CA LYS A 238 -10.02 -6.82 15.47
C LYS A 238 -10.79 -6.39 14.21
N LEU A 239 -10.08 -6.01 13.16
CA LEU A 239 -10.76 -5.56 11.94
C LEU A 239 -11.21 -6.73 11.08
N GLY A 240 -10.78 -7.93 11.46
CA GLY A 240 -11.24 -9.13 10.79
C GLY A 240 -10.14 -10.01 10.25
N ILE A 241 -10.44 -11.31 10.12
CA ILE A 241 -9.53 -12.27 9.52
C ILE A 241 -10.08 -12.73 8.18
N ILE A 242 -9.31 -12.55 7.13
CA ILE A 242 -9.75 -12.93 5.78
C ILE A 242 -8.74 -13.86 5.10
N GLY A 243 -9.20 -15.05 4.75
CA GLY A 243 -8.34 -16.05 4.12
C GLY A 243 -8.48 -16.09 2.62
N VAL A 244 -7.34 -16.17 1.92
CA VAL A 244 -7.32 -16.22 0.47
C VAL A 244 -6.36 -17.29 -0.05
N VAL A 245 -6.50 -17.62 -1.32
CA VAL A 245 -5.50 -18.43 -2.02
C VAL A 245 -5.22 -17.79 -3.37
N ASN A 246 -4.09 -17.11 -3.47
CA ASN A 246 -3.72 -16.40 -4.68
C ASN A 246 -2.99 -17.29 -5.65
N ARG A 247 -2.59 -16.72 -6.78
CA ARG A 247 -1.80 -17.46 -7.76
C ARG A 247 -0.41 -17.74 -7.22
N SER A 248 0.12 -18.91 -7.54
CA SER A 248 1.48 -19.25 -7.18
C SER A 248 2.41 -18.79 -8.31
N GLN A 249 3.71 -18.97 -8.13
CA GLN A 249 4.67 -18.63 -9.17
C GLN A 249 4.51 -19.58 -10.36
N LEU A 250 4.14 -20.82 -10.08
CA LEU A 250 3.85 -21.80 -11.13
C LEU A 250 2.74 -21.31 -12.04
N ASP A 251 1.66 -20.82 -11.43
CA ASP A 251 0.51 -20.33 -12.17
C ASP A 251 0.84 -19.10 -13.00
N ILE A 252 1.63 -18.20 -12.43
CA ILE A 252 2.06 -16.99 -13.13
C ILE A 252 2.84 -17.34 -14.40
N ASN A 253 3.79 -18.26 -14.25
CA ASN A 253 4.58 -18.73 -15.38
C ASN A 253 3.73 -19.49 -16.39
N ASN A 254 2.71 -20.19 -15.89
CA ASN A 254 1.76 -20.89 -16.75
C ASN A 254 0.65 -19.97 -17.24
N LYS A 255 0.82 -18.68 -16.97
CA LYS A 255 -0.07 -17.63 -17.48
C LYS A 255 -1.53 -17.88 -17.10
N LYS A 256 -1.75 -18.29 -15.85
CA LYS A 256 -3.10 -18.50 -15.33
C LYS A 256 -3.72 -17.16 -14.99
N SER A 257 -4.93 -16.93 -15.50
CA SER A 257 -5.61 -15.66 -15.28
C SER A 257 -6.11 -15.53 -13.84
N VAL A 258 -6.16 -14.29 -13.35
CA VAL A 258 -6.64 -14.00 -12.01
C VAL A 258 -8.13 -14.35 -11.88
N THR A 259 -8.86 -14.25 -12.97
CA THR A 259 -10.26 -14.66 -13.01
C THR A 259 -10.38 -16.17 -12.81
N ASP A 260 -9.44 -16.94 -13.36
CA ASP A 260 -9.44 -18.38 -13.20
C ASP A 260 -8.97 -18.79 -11.79
N SER A 261 -8.14 -17.94 -11.19
CA SER A 261 -7.59 -18.23 -9.87
C SER A 261 -8.62 -17.95 -8.77
N ILE A 262 -9.38 -16.87 -8.91
CA ILE A 262 -10.44 -16.56 -7.96
C ILE A 262 -11.56 -17.58 -8.08
N ARG A 263 -11.69 -18.17 -9.26
CA ARG A 263 -12.64 -19.25 -9.51
C ARG A 263 -12.25 -20.47 -8.71
N ASP A 264 -10.96 -20.83 -8.77
CA ASP A 264 -10.44 -21.98 -8.04
C ASP A 264 -10.36 -21.68 -6.55
N GLU A 265 -10.08 -20.43 -6.21
CA GLU A 265 -10.08 -19.98 -4.83
C GLU A 265 -11.45 -20.18 -4.22
N TYR A 266 -12.47 -19.76 -4.98
CA TYR A 266 -13.87 -19.88 -4.57
C TYR A 266 -14.26 -21.34 -4.33
N ALA A 267 -13.87 -22.21 -5.26
CA ALA A 267 -14.16 -23.63 -5.15
C ALA A 267 -13.46 -24.24 -3.93
N PHE A 268 -12.24 -23.77 -3.67
CA PHE A 268 -11.46 -24.26 -2.54
C PHE A 268 -12.11 -23.91 -1.21
N LEU A 269 -12.56 -22.66 -1.10
CA LEU A 269 -13.21 -22.19 0.12
C LEU A 269 -14.52 -22.92 0.37
N GLN A 270 -15.28 -23.13 -0.69
CA GLN A 270 -16.53 -23.88 -0.60
C GLN A 270 -16.30 -25.29 -0.10
N LYS A 271 -15.20 -25.88 -0.56
CA LYS A 271 -14.88 -27.27 -0.23
C LYS A 271 -14.40 -27.44 1.21
N LYS A 272 -13.39 -26.67 1.60
CA LYS A 272 -12.73 -26.87 2.89
C LYS A 272 -13.35 -26.06 4.02
N TYR A 273 -13.86 -24.87 3.72
CA TYR A 273 -14.49 -24.02 4.73
C TYR A 273 -15.86 -23.50 4.28
N PRO A 274 -16.85 -24.41 4.21
CA PRO A 274 -18.18 -24.07 3.69
C PRO A 274 -18.92 -23.05 4.55
N SER A 275 -18.76 -23.13 5.86
CA SER A 275 -19.46 -22.25 6.78
C SER A 275 -18.83 -20.87 6.89
N LEU A 276 -17.73 -20.67 6.16
CA LEU A 276 -16.97 -19.43 6.23
C LEU A 276 -16.66 -18.85 4.87
N ALA A 277 -16.95 -19.62 3.82
CA ALA A 277 -16.61 -19.25 2.45
C ALA A 277 -17.18 -17.89 2.04
N ASN A 278 -18.33 -17.55 2.59
CA ASN A 278 -18.99 -16.29 2.26
C ASN A 278 -18.23 -15.06 2.72
N ARG A 279 -17.42 -15.21 3.78
CA ARG A 279 -16.65 -14.09 4.32
C ARG A 279 -15.15 -14.24 4.07
N ASN A 280 -14.79 -14.92 2.99
CA ASN A 280 -13.39 -15.07 2.59
C ASN A 280 -13.22 -15.03 1.07
N GLY A 281 -11.97 -14.95 0.63
CA GLY A 281 -11.67 -14.88 -0.79
C GLY A 281 -11.25 -13.51 -1.24
N THR A 282 -10.73 -13.42 -2.46
CA THR A 282 -10.22 -12.17 -3.00
C THR A 282 -11.34 -11.15 -3.21
N LYS A 283 -12.47 -11.60 -3.76
CA LYS A 283 -13.60 -10.72 -4.03
C LYS A 283 -14.15 -10.10 -2.75
N TYR A 284 -14.22 -10.90 -1.69
CA TYR A 284 -14.65 -10.40 -0.39
C TYR A 284 -13.63 -9.43 0.19
N LEU A 285 -12.36 -9.77 0.02
CA LEU A 285 -11.26 -8.97 0.56
C LEU A 285 -11.21 -7.59 -0.06
N ALA A 286 -11.21 -7.55 -1.39
CA ALA A 286 -11.13 -6.31 -2.15
C ALA A 286 -12.15 -5.27 -1.71
N ARG A 287 -13.37 -5.73 -1.43
CA ARG A 287 -14.51 -4.84 -1.20
C ARG A 287 -14.76 -4.52 0.29
N THR A 288 -14.37 -5.41 1.18
CA THR A 288 -14.31 -5.06 2.59
C THR A 288 -13.27 -3.95 2.77
N LEU A 289 -12.15 -4.09 2.08
CA LEU A 289 -11.07 -3.11 2.13
C LEU A 289 -11.48 -1.77 1.55
N ASN A 290 -12.31 -1.81 0.51
CA ASN A 290 -12.82 -0.60 -0.11
C ASN A 290 -13.73 0.17 0.84
N ARG A 291 -14.67 -0.54 1.45
CA ARG A 291 -15.63 0.07 2.37
C ARG A 291 -14.95 0.56 3.65
N LEU A 292 -14.06 -0.27 4.20
CA LEU A 292 -13.32 0.08 5.41
C LEU A 292 -12.48 1.33 5.20
N LEU A 293 -11.85 1.44 4.04
CA LEU A 293 -11.04 2.61 3.72
C LEU A 293 -11.91 3.87 3.58
N MET A 294 -13.08 3.71 2.98
CA MET A 294 -14.02 4.82 2.81
C MET A 294 -14.53 5.31 4.16
N HIS A 295 -14.90 4.39 5.03
CA HIS A 295 -15.42 4.74 6.34
C HIS A 295 -14.33 5.34 7.23
N HIS A 296 -13.11 4.83 7.11
CA HIS A 296 -11.98 5.31 7.90
C HIS A 296 -11.56 6.72 7.51
N ILE A 297 -11.59 7.00 6.22
CA ILE A 297 -11.16 8.30 5.69
C ILE A 297 -12.05 9.46 6.18
N ARG A 298 -13.36 9.29 6.06
CA ARG A 298 -14.28 10.35 6.47
C ARG A 298 -14.34 10.51 7.99
N ASP A 299 -13.98 9.46 8.71
CA ASP A 299 -13.85 9.55 10.15
C ASP A 299 -12.70 10.48 10.52
N CYS A 300 -11.63 10.41 9.73
CA CYS A 300 -10.42 11.18 9.99
C CYS A 300 -10.44 12.54 9.30
N LEU A 301 -11.34 12.70 8.33
CA LEU A 301 -11.40 13.92 7.52
C LEU A 301 -11.52 15.23 8.33
N PRO A 302 -12.48 15.30 9.29
CA PRO A 302 -12.55 16.56 10.05
C PRO A 302 -11.25 16.88 10.78
N GLU A 303 -10.71 15.90 11.51
CA GLU A 303 -9.48 16.09 12.27
C GLU A 303 -8.27 16.31 11.36
N LEU A 304 -8.32 15.76 10.17
CA LEU A 304 -7.25 15.94 9.19
C LEU A 304 -7.23 17.36 8.64
N LYS A 305 -8.43 17.91 8.40
CA LYS A 305 -8.55 19.25 7.85
C LYS A 305 -7.95 20.31 8.76
N THR A 306 -8.25 20.23 10.05
CA THR A 306 -7.71 21.20 11.00
C THR A 306 -6.21 21.02 11.20
N ARG A 307 -5.75 19.78 11.15
CA ARG A 307 -4.33 19.50 11.34
C ARG A 307 -3.48 20.18 10.28
N ILE A 308 -3.98 20.23 9.06
CA ILE A 308 -3.29 20.92 7.98
C ILE A 308 -3.22 22.42 8.26
N ASN A 309 -4.30 22.97 8.78
CA ASN A 309 -4.32 24.38 9.16
C ASN A 309 -3.41 24.68 10.34
N VAL A 310 -3.53 23.86 11.39
CA VAL A 310 -2.71 24.01 12.59
C VAL A 310 -1.22 23.88 12.27
N LEU A 311 -0.89 22.91 11.43
CA LEU A 311 0.49 22.69 11.00
C LEU A 311 1.03 23.90 10.24
N ALA A 312 0.18 24.48 9.40
CA ALA A 312 0.55 25.66 8.62
C ALA A 312 0.92 26.82 9.53
N ALA A 313 0.16 26.99 10.61
CA ALA A 313 0.41 28.06 11.57
C ALA A 313 1.73 27.84 12.30
N GLN A 314 1.97 26.60 12.72
CA GLN A 314 3.20 26.25 13.43
C GLN A 314 4.43 26.38 12.54
N TYR A 315 4.27 26.00 11.27
CA TYR A 315 5.36 26.11 10.30
C TYR A 315 5.64 27.56 9.96
N GLN A 316 4.60 28.36 9.85
CA GLN A 316 4.75 29.80 9.59
C GLN A 316 5.56 30.46 10.69
N SER A 317 5.21 30.16 11.94
CA SER A 317 5.92 30.72 13.09
C SER A 317 7.37 30.25 13.11
N LEU A 318 7.59 28.99 12.74
CA LEU A 318 8.92 28.41 12.69
C LEU A 318 9.84 29.23 11.79
N LEU A 319 9.28 29.70 10.67
CA LEU A 319 10.02 30.55 9.76
C LEU A 319 10.27 31.94 10.36
N ASN A 320 9.35 32.38 11.23
CA ASN A 320 9.53 33.64 11.92
C ASN A 320 10.56 33.52 13.04
N SER A 321 10.72 32.34 13.54
CA SER A 321 11.80 31.96 14.41
C SER A 321 13.13 31.83 13.76
N TYR A 322 13.09 31.49 12.46
CA TYR A 322 14.24 31.37 11.54
C TYR A 322 15.08 32.58 11.05
N GLY A 323 14.43 33.70 10.75
CA GLY A 323 15.03 34.84 10.05
C GLY A 323 15.55 34.75 8.62
N GLU A 324 16.77 35.26 8.40
CA GLU A 324 17.32 35.56 7.07
C GLU A 324 17.83 34.31 6.36
N PRO A 325 18.11 34.43 5.06
CA PRO A 325 18.47 35.72 4.47
C PRO A 325 17.50 36.22 3.39
N VAL A 326 16.72 35.31 2.82
CA VAL A 326 15.60 35.67 1.95
C VAL A 326 16.05 35.99 0.52
N ASP A 327 17.31 35.75 0.21
CA ASP A 327 17.95 36.42 -0.92
C ASP A 327 18.88 35.52 -1.75
N GLY A 328 18.69 35.57 -3.07
CA GLY A 328 19.59 34.97 -4.03
C GLY A 328 19.88 33.49 -3.96
N SER A 329 21.16 33.15 -4.06
CA SER A 329 21.62 31.77 -4.20
C SER A 329 21.32 30.84 -3.04
N GLY A 330 21.48 31.31 -1.80
CA GLY A 330 21.21 30.44 -0.66
C GLY A 330 20.05 30.84 0.24
N SER A 331 19.02 29.99 0.29
CA SER A 331 18.16 29.87 1.46
C SER A 331 18.82 29.32 2.72
N GLY A 332 19.63 28.27 2.55
CA GLY A 332 19.87 27.31 3.62
C GLY A 332 18.94 26.11 3.61
N SER A 333 19.37 25.02 4.26
CA SER A 333 18.64 23.75 4.22
C SER A 333 17.26 23.77 4.89
N GLY A 334 17.17 24.43 6.04
CA GLY A 334 16.06 24.26 6.97
C GLY A 334 14.89 25.14 6.71
N SER A 335 15.22 26.33 6.31
CA SER A 335 14.22 27.35 5.99
C SER A 335 13.52 27.03 4.68
N LYS A 336 14.25 26.42 3.75
CA LYS A 336 13.66 26.01 2.48
C LYS A 336 12.68 24.86 2.71
N GLU A 337 13.02 23.99 3.68
CA GLU A 337 12.14 22.89 4.05
C GLU A 337 10.80 23.42 4.56
N ALA A 338 10.86 24.44 5.41
CA ALA A 338 9.65 25.05 5.96
C ALA A 338 8.85 25.74 4.86
N ALA A 339 9.56 26.34 3.91
CA ALA A 339 8.92 27.01 2.78
C ALA A 339 8.23 26.01 1.87
N ASP A 340 8.93 24.93 1.55
CA ASP A 340 8.38 23.89 0.69
C ASP A 340 7.21 23.19 1.36
N MET A 341 7.28 23.05 2.68
CA MET A 341 6.22 22.41 3.44
C MET A 341 4.93 23.24 3.39
N LEU A 342 5.07 24.55 3.58
CA LEU A 342 3.94 25.46 3.53
C LEU A 342 3.29 25.47 2.15
N LYS A 343 4.11 25.31 1.10
CA LYS A 343 3.59 25.21 -0.26
C LYS A 343 2.73 23.97 -0.42
N ALA A 344 3.21 22.85 0.12
CA ALA A 344 2.47 21.59 0.07
C ALA A 344 1.21 21.68 0.92
N LEU A 345 1.33 22.31 2.09
CA LEU A 345 0.19 22.52 2.99
C LEU A 345 -0.86 23.41 2.33
N GLN A 346 -0.39 24.35 1.51
CA GLN A 346 -1.30 25.22 0.77
C GLN A 346 -2.05 24.43 -0.29
N GLY A 347 -1.33 23.60 -1.03
CA GLY A 347 -1.92 22.76 -2.04
C GLY A 347 -2.85 21.73 -1.43
N ALA A 348 -2.50 21.26 -0.24
CA ALA A 348 -3.31 20.29 0.48
C ALA A 348 -4.65 20.89 0.90
N SER A 349 -4.59 22.08 1.49
CA SER A 349 -5.79 22.76 1.98
C SER A 349 -6.74 23.10 0.83
N GLN A 350 -6.16 23.44 -0.32
CA GLN A 350 -6.95 23.74 -1.51
C GLN A 350 -7.75 22.53 -1.97
N ILE A 351 -7.07 21.37 -2.00
CA ILE A 351 -7.71 20.12 -2.40
C ILE A 351 -8.90 19.79 -1.49
N ILE A 352 -8.71 19.96 -0.18
CA ILE A 352 -9.77 19.72 0.79
C ILE A 352 -10.90 20.73 0.62
N ALA A 353 -10.55 21.99 0.37
CA ALA A 353 -11.53 23.05 0.19
C ALA A 353 -12.44 22.78 -1.02
N GLU A 354 -11.91 22.07 -2.01
CA GLU A 354 -12.65 21.79 -3.23
C GLU A 354 -13.66 20.66 -3.04
N ILE A 355 -13.68 20.08 -1.84
CA ILE A 355 -14.72 19.11 -1.50
C ILE A 355 -16.03 19.83 -1.30
N ARG A 356 -16.97 19.58 -2.19
CA ARG A 356 -18.24 20.28 -2.23
C ARG A 356 -19.26 19.73 -1.24
N GLU A 357 -20.53 19.94 -1.57
CA GLU A 357 -21.65 19.48 -0.76
C GLU A 357 -21.62 19.98 0.68
N THR A 358 -21.73 21.31 0.83
CA THR A 358 -21.78 21.97 2.15
C THR A 358 -20.79 21.41 3.17
CAC FLC B . 5.47 -12.11 -2.03
CA FLC B . 4.82 -13.12 -2.99
CB FLC B . 5.72 -14.28 -3.46
CBC FLC B . 6.22 -15.07 -2.20
CG FLC B . 4.93 -15.24 -4.42
CGC FLC B . 3.84 -16.16 -3.82
OA1 FLC B . 6.71 -12.04 -1.86
OA2 FLC B . 4.68 -11.32 -1.42
OB1 FLC B . 7.38 -15.51 -2.12
OB2 FLC B . 5.37 -15.20 -1.27
OG1 FLC B . 4.07 -17.00 -2.92
OG2 FLC B . 2.67 -16.01 -4.31
OHB FLC B . 6.83 -13.79 -4.14
#